data_6Y5N
#
_entry.id   6Y5N
#
_cell.length_a   67.490
_cell.length_b   86.550
_cell.length_c   129.830
_cell.angle_alpha   90.000
_cell.angle_beta   90.000
_cell.angle_gamma   90.000
#
_symmetry.space_group_name_H-M   'P 21 21 21'
#
loop_
_entity.id
_entity.type
_entity.pdbx_description
1 polymer 'E3 ubiquitin-protein ligase DTX1'
2 non-polymer 'ZINC ION'
3 non-polymer 1,2-ETHANEDIOL
4 non-polymer 'CHLORIDE ION'
5 water water
#
_entity_poly.entity_id   1
_entity_poly.type   'polypeptide(L)'
_entity_poly.pdbx_seq_one_letter_code
;GSKSKNPEDVVRRYMQKVKNPPDEDCTICMERLVTASGYEGVLRHKGVRPELVGRLGRCGHMYHLLCLVAMYSNGNKDGS
LQCPTCKAIYGEKTGTQPPGKMEFHLIPHSLPGFPDTQTIRIVYDIPTGIQGPEHPNPGKKFTARGFPRHCYLPNNEKGR
KVLRLLITAWERRLIFTIGTSNTTGESDTVVWNEIHHKTEFGSNLTGHGYPDASYLDNVLAELTAQGVSEAAAKA
;
_entity_poly.pdbx_strand_id   A,B
#
# COMPACT_ATOMS: atom_id res chain seq x y z
N LYS A 3 -6.47 -23.27 8.28
CA LYS A 3 -7.02 -23.05 9.63
C LYS A 3 -8.04 -21.92 9.56
N SER A 4 -8.96 -21.89 10.53
CA SER A 4 -9.96 -20.83 10.57
C SER A 4 -9.28 -19.46 10.77
N LYS A 5 -9.77 -18.46 10.05
CA LYS A 5 -9.29 -17.08 10.22
C LYS A 5 -10.28 -16.21 11.00
N ASN A 6 -11.31 -16.82 11.59
CA ASN A 6 -12.28 -16.13 12.44
C ASN A 6 -11.60 -15.57 13.68
N PRO A 7 -11.96 -14.35 14.10
CA PRO A 7 -11.18 -13.72 15.18
C PRO A 7 -11.02 -14.59 16.40
N GLU A 8 -12.10 -15.15 16.94
CA GLU A 8 -11.98 -15.85 18.20
C GLU A 8 -11.08 -17.07 18.06
N ASP A 9 -11.21 -17.81 16.95
CA ASP A 9 -10.38 -19.01 16.77
C ASP A 9 -8.93 -18.64 16.59
N VAL A 10 -8.64 -17.65 15.74
CA VAL A 10 -7.25 -17.27 15.53
C VAL A 10 -6.63 -16.82 16.85
N VAL A 11 -7.33 -15.94 17.57
CA VAL A 11 -6.75 -15.40 18.80
C VAL A 11 -6.54 -16.50 19.83
N ARG A 12 -7.56 -17.35 20.04
CA ARG A 12 -7.41 -18.41 21.03
C ARG A 12 -6.22 -19.31 20.72
N ARG A 13 -5.88 -19.45 19.43
CA ARG A 13 -4.79 -20.32 19.01
C ARG A 13 -3.45 -19.87 19.60
N TYR A 14 -3.25 -18.57 19.73
CA TYR A 14 -1.97 -18.04 20.15
C TYR A 14 -1.95 -17.50 21.57
N MET A 15 -3.06 -17.51 22.26
CA MET A 15 -3.17 -17.01 23.63
C MET A 15 -3.16 -18.15 24.65
N GLN A 16 -2.34 -18.00 25.70
CA GLN A 16 -2.23 -18.98 26.77
C GLN A 16 -2.77 -18.41 28.08
N LYS A 17 -3.75 -19.08 28.66
CA LYS A 17 -4.43 -18.55 29.84
C LYS A 17 -3.45 -18.17 30.96
N VAL A 18 -3.73 -17.01 31.58
CA VAL A 18 -3.03 -16.55 32.76
C VAL A 18 -4.03 -16.67 33.91
N LYS A 19 -3.70 -17.52 34.87
CA LYS A 19 -4.61 -17.83 35.97
C LYS A 19 -4.70 -16.66 36.95
N ASN A 20 -3.54 -16.05 37.26
CA ASN A 20 -3.46 -14.93 38.20
C ASN A 20 -2.73 -13.76 37.57
N PRO A 21 -3.42 -12.90 36.82
CA PRO A 21 -2.73 -11.81 36.14
C PRO A 21 -2.34 -10.70 37.10
N PRO A 22 -1.29 -9.95 36.78
CA PRO A 22 -0.89 -8.83 37.62
C PRO A 22 -1.80 -7.61 37.47
N ASP A 23 -1.65 -6.71 38.44
CA ASP A 23 -2.35 -5.42 38.46
C ASP A 23 -1.59 -4.44 37.56
N GLU A 24 -1.61 -4.74 36.28
CA GLU A 24 -0.95 -3.94 35.26
C GLU A 24 -1.94 -3.75 34.11
N ASP A 25 -1.71 -2.71 33.31
CA ASP A 25 -2.66 -2.35 32.24
C ASP A 25 -2.68 -3.40 31.14
N CYS A 26 -3.86 -3.70 30.64
CA CYS A 26 -3.97 -4.23 29.30
C CYS A 26 -3.70 -3.08 28.33
N THR A 27 -2.69 -3.20 27.45
CA THR A 27 -2.37 -2.07 26.58
C THR A 27 -3.24 -2.02 25.33
N ILE A 28 -4.26 -2.84 25.23
CA ILE A 28 -5.25 -2.67 24.18
C ILE A 28 -6.39 -1.82 24.74
N CYS A 29 -7.02 -2.25 25.82
CA CYS A 29 -8.17 -1.46 26.31
C CYS A 29 -7.82 -0.45 27.39
N MET A 30 -6.59 -0.51 27.92
CA MET A 30 -6.10 0.33 28.99
C MET A 30 -6.89 0.21 30.30
N GLU A 31 -7.60 -0.89 30.51
CA GLU A 31 -8.06 -1.27 31.85
C GLU A 31 -7.07 -2.26 32.44
N ARG A 32 -7.09 -2.38 33.77
CA ARG A 32 -6.18 -3.31 34.43
C ARG A 32 -6.52 -4.77 34.08
N LEU A 33 -5.48 -5.60 34.03
CA LEU A 33 -5.67 -7.00 33.67
C LEU A 33 -6.48 -7.75 34.72
N VAL A 34 -6.55 -7.22 35.95
CA VAL A 34 -7.32 -7.84 37.03
C VAL A 34 -8.76 -7.38 37.04
N THR A 35 -9.15 -6.52 36.11
CA THR A 35 -10.54 -6.14 35.93
C THR A 35 -11.00 -6.58 34.55
N ALA A 36 -12.28 -6.36 34.27
CA ALA A 36 -12.88 -6.77 33.01
C ALA A 36 -12.34 -5.96 31.85
N SER A 37 -12.31 -6.59 30.67
CA SER A 37 -12.02 -5.90 29.44
C SER A 37 -12.86 -4.64 29.31
N GLY A 38 -12.24 -3.58 28.82
CA GLY A 38 -12.91 -2.33 28.48
C GLY A 38 -13.67 -2.38 27.15
N TYR A 39 -13.56 -3.46 26.39
CA TYR A 39 -14.27 -3.55 25.11
C TYR A 39 -15.76 -3.71 25.34
N GLU A 40 -16.56 -2.92 24.63
CA GLU A 40 -18.02 -2.95 24.81
C GLU A 40 -18.81 -3.22 23.52
N GLY A 41 -18.16 -3.57 22.43
CA GLY A 41 -18.83 -3.76 21.14
C GLY A 41 -19.63 -5.05 21.01
N VAL A 42 -20.05 -5.30 19.76
CA VAL A 42 -21.03 -6.34 19.50
C VAL A 42 -20.43 -7.72 19.74
N LEU A 43 -19.10 -7.84 19.58
CA LEU A 43 -18.48 -9.14 19.80
C LEU A 43 -18.48 -9.56 21.26
N ARG A 44 -18.80 -8.65 22.19
CA ARG A 44 -18.87 -9.06 23.59
C ARG A 44 -20.06 -9.98 23.79
N HIS A 45 -21.09 -9.80 22.99
CA HIS A 45 -22.33 -10.51 23.22
C HIS A 45 -22.10 -12.01 23.10
N LYS A 46 -22.32 -12.71 24.22
CA LYS A 46 -22.19 -14.16 24.26
C LYS A 46 -20.80 -14.58 23.77
N GLY A 47 -19.80 -13.82 24.18
CA GLY A 47 -18.48 -14.16 23.71
C GLY A 47 -17.53 -14.50 24.83
N VAL A 48 -16.27 -14.24 24.52
CA VAL A 48 -15.18 -14.43 25.44
C VAL A 48 -15.52 -13.74 26.76
N ARG A 49 -15.37 -14.46 27.87
CA ARG A 49 -15.57 -13.83 29.18
C ARG A 49 -14.61 -12.65 29.31
N PRO A 50 -15.10 -11.47 29.72
CA PRO A 50 -14.24 -10.27 29.67
C PRO A 50 -13.09 -10.26 30.67
N GLU A 51 -13.12 -11.15 31.67
CA GLU A 51 -12.05 -11.20 32.68
C GLU A 51 -10.87 -12.07 32.26
N LEU A 52 -11.06 -12.90 31.25
CA LEU A 52 -10.03 -13.85 30.84
C LEU A 52 -8.84 -13.12 30.25
N VAL A 53 -7.64 -13.50 30.71
CA VAL A 53 -6.38 -12.90 30.30
C VAL A 53 -5.48 -14.00 29.75
N GLY A 54 -4.73 -13.67 28.72
CA GLY A 54 -3.77 -14.61 28.17
C GLY A 54 -2.44 -13.95 27.83
N ARG A 55 -1.42 -14.81 27.77
N ARG A 55 -1.41 -14.80 27.77
CA ARG A 55 -0.10 -14.46 27.25
CA ARG A 55 -0.09 -14.45 27.26
C ARG A 55 -0.03 -14.78 25.76
C ARG A 55 0.00 -14.79 25.77
N LEU A 56 0.38 -13.80 24.95
CA LEU A 56 0.38 -13.96 23.50
C LEU A 56 1.67 -14.59 22.96
N GLY A 57 1.53 -15.69 22.23
CA GLY A 57 2.62 -16.34 21.52
C GLY A 57 3.94 -16.46 22.26
N ARG A 58 5.04 -16.26 21.53
CA ARG A 58 6.40 -16.37 22.08
C ARG A 58 6.81 -15.18 22.91
N CYS A 59 6.31 -13.97 22.60
CA CYS A 59 6.75 -12.83 23.37
C CYS A 59 6.07 -12.79 24.72
N GLY A 60 4.90 -13.39 24.85
CA GLY A 60 4.31 -13.44 26.17
C GLY A 60 3.55 -12.21 26.61
N HIS A 61 3.36 -11.22 25.77
CA HIS A 61 2.69 -10.02 26.26
C HIS A 61 1.23 -10.36 26.55
N MET A 62 0.66 -9.69 27.56
CA MET A 62 -0.58 -10.13 28.17
C MET A 62 -1.71 -9.16 27.87
N TYR A 63 -2.87 -9.73 27.54
CA TYR A 63 -4.04 -8.97 27.15
C TYR A 63 -5.27 -9.69 27.66
N HIS A 64 -6.36 -8.94 27.86
CA HIS A 64 -7.66 -9.58 27.93
C HIS A 64 -7.87 -10.30 26.59
N LEU A 65 -8.32 -11.55 26.67
CA LEU A 65 -8.56 -12.29 25.44
C LEU A 65 -9.57 -11.56 24.55
N LEU A 66 -10.63 -11.03 25.15
CA LEU A 66 -11.66 -10.31 24.38
C LEU A 66 -11.08 -9.10 23.66
N CYS A 67 -10.17 -8.38 24.34
CA CYS A 67 -9.53 -7.23 23.72
C CYS A 67 -8.79 -7.63 22.46
N LEU A 68 -8.05 -8.73 22.52
CA LEU A 68 -7.28 -9.09 21.35
C LEU A 68 -8.20 -9.62 20.23
N VAL A 69 -9.33 -10.27 20.56
CA VAL A 69 -10.19 -10.66 19.44
C VAL A 69 -10.81 -9.42 18.81
N ALA A 70 -11.18 -8.43 19.63
CA ALA A 70 -11.71 -7.19 19.09
C ALA A 70 -10.68 -6.52 18.19
N MET A 71 -9.44 -6.42 18.66
CA MET A 71 -8.42 -5.78 17.88
C MET A 71 -8.19 -6.51 16.56
N TYR A 72 -8.05 -7.83 16.61
CA TYR A 72 -7.87 -8.62 15.39
C TYR A 72 -9.05 -8.44 14.44
N SER A 73 -10.26 -8.44 15.00
CA SER A 73 -11.45 -8.29 14.17
C SER A 73 -11.52 -6.93 13.48
N ASN A 74 -10.84 -5.91 14.00
CA ASN A 74 -10.82 -4.59 13.37
C ASN A 74 -9.76 -4.45 12.29
N GLY A 75 -8.96 -5.47 12.07
CA GLY A 75 -7.96 -5.47 11.03
C GLY A 75 -8.41 -6.22 9.80
N ASN A 76 -7.44 -6.67 9.02
CA ASN A 76 -7.69 -7.39 7.78
C ASN A 76 -8.21 -8.81 8.00
N LYS A 77 -8.01 -9.38 9.19
CA LYS A 77 -8.43 -10.77 9.43
C LYS A 77 -7.84 -11.73 8.40
N ASP A 78 -6.52 -11.63 8.20
CA ASP A 78 -5.83 -12.43 7.19
C ASP A 78 -5.14 -13.67 7.78
N GLY A 79 -5.44 -14.03 9.03
CA GLY A 79 -4.84 -15.17 9.69
C GLY A 79 -3.61 -14.88 10.52
N SER A 80 -3.02 -13.71 10.35
CA SER A 80 -1.87 -13.30 11.15
C SER A 80 -2.32 -12.35 12.25
N LEU A 81 -1.67 -12.46 13.40
CA LEU A 81 -2.04 -11.73 14.60
C LEU A 81 -0.80 -11.01 15.09
N GLN A 82 -0.88 -9.69 15.18
CA GLN A 82 0.27 -8.90 15.58
C GLN A 82 0.20 -8.48 17.05
N CYS A 83 1.29 -8.67 17.77
CA CYS A 83 1.35 -8.14 19.15
C CYS A 83 1.44 -6.62 19.15
N PRO A 84 0.49 -5.88 19.77
CA PRO A 84 0.57 -4.40 19.71
C PRO A 84 1.68 -3.81 20.56
N THR A 85 2.23 -4.63 21.49
CA THR A 85 3.31 -4.11 22.32
C THR A 85 4.66 -4.18 21.58
N CYS A 86 5.01 -5.36 21.07
CA CYS A 86 6.33 -5.56 20.46
C CYS A 86 6.29 -5.77 18.95
N LYS A 87 5.11 -5.85 18.34
CA LYS A 87 4.88 -5.97 16.90
C LYS A 87 5.36 -7.29 16.30
N ALA A 88 5.66 -8.31 17.12
CA ALA A 88 5.81 -9.67 16.59
C ALA A 88 4.50 -10.17 15.97
N ILE A 89 4.61 -10.94 14.91
CA ILE A 89 3.45 -11.44 14.18
C ILE A 89 3.36 -12.96 14.33
N TYR A 90 2.19 -13.46 14.67
CA TYR A 90 1.95 -14.88 14.81
C TYR A 90 0.97 -15.35 13.75
N GLY A 91 1.19 -16.56 13.27
CA GLY A 91 0.33 -17.14 12.26
C GLY A 91 0.74 -16.72 10.85
N GLU A 92 0.00 -17.26 9.88
CA GLU A 92 0.34 -17.12 8.48
C GLU A 92 -0.68 -16.24 7.76
N LYS A 93 -0.21 -15.19 7.10
CA LYS A 93 -1.09 -14.33 6.31
C LYS A 93 -1.48 -15.07 5.04
N THR A 94 -2.79 -15.16 4.77
CA THR A 94 -3.31 -15.71 3.53
C THR A 94 -4.36 -14.77 2.96
N GLY A 95 -4.65 -14.96 1.68
CA GLY A 95 -5.57 -14.04 0.99
C GLY A 95 -6.83 -14.68 0.44
N THR A 96 -7.44 -14.01 -0.53
CA THR A 96 -8.73 -14.42 -1.08
C THR A 96 -8.64 -14.70 -2.58
N GLN A 97 -7.45 -14.94 -3.09
CA GLN A 97 -7.27 -15.31 -4.48
C GLN A 97 -8.22 -16.44 -4.88
N PRO A 98 -8.96 -16.31 -5.98
CA PRO A 98 -9.88 -17.39 -6.37
C PRO A 98 -9.14 -18.52 -7.08
N PRO A 99 -9.80 -19.64 -7.40
CA PRO A 99 -9.11 -20.76 -8.06
C PRO A 99 -8.50 -20.40 -9.39
N GLY A 100 -7.42 -21.09 -9.72
CA GLY A 100 -6.79 -20.90 -11.01
C GLY A 100 -5.57 -21.78 -11.08
N LYS A 101 -4.70 -21.44 -12.03
CA LYS A 101 -3.52 -22.22 -12.36
C LYS A 101 -2.32 -21.29 -12.42
N MET A 102 -1.18 -21.76 -11.89
CA MET A 102 0.11 -21.08 -11.99
C MET A 102 1.07 -22.04 -12.65
N GLU A 103 1.69 -21.62 -13.74
CA GLU A 103 2.62 -22.47 -14.48
C GLU A 103 3.89 -21.69 -14.77
N PHE A 104 5.02 -22.39 -14.85
CA PHE A 104 6.24 -21.70 -15.21
C PHE A 104 7.19 -22.64 -15.93
N HIS A 105 7.96 -22.07 -16.85
CA HIS A 105 9.08 -22.79 -17.45
C HIS A 105 10.07 -21.77 -17.99
N LEU A 106 11.19 -22.31 -18.48
CA LEU A 106 12.31 -21.48 -18.94
C LEU A 106 12.19 -21.24 -20.43
N ILE A 107 12.53 -20.03 -20.86
CA ILE A 107 12.59 -19.74 -22.30
C ILE A 107 13.98 -19.22 -22.66
N PRO A 108 14.49 -19.51 -23.88
CA PRO A 108 15.88 -19.19 -24.23
C PRO A 108 16.04 -17.76 -24.75
N HIS A 109 15.66 -16.79 -23.89
CA HIS A 109 15.77 -15.36 -24.18
C HIS A 109 16.17 -14.61 -22.91
N SER A 110 17.04 -13.62 -23.08
CA SER A 110 17.55 -12.85 -21.95
C SER A 110 16.72 -11.58 -21.79
N LEU A 111 16.39 -11.24 -20.56
CA LEU A 111 15.72 -9.98 -20.28
C LEU A 111 16.69 -8.81 -20.40
N PRO A 112 16.19 -7.65 -20.83
CA PRO A 112 17.00 -6.42 -20.74
C PRO A 112 17.57 -6.26 -19.34
N GLY A 113 18.89 -6.06 -19.28
CA GLY A 113 19.58 -5.92 -18.02
C GLY A 113 20.06 -7.22 -17.40
N PHE A 114 19.77 -8.36 -18.04
CA PHE A 114 20.25 -9.67 -17.55
C PHE A 114 20.84 -10.45 -18.70
N PRO A 115 21.92 -9.95 -19.29
CA PRO A 115 22.47 -10.59 -20.47
C PRO A 115 22.95 -12.01 -20.19
N ASP A 116 22.94 -12.82 -21.24
CA ASP A 116 23.43 -14.21 -21.21
C ASP A 116 22.71 -15.07 -20.18
N THR A 117 21.41 -14.85 -19.99
CA THR A 117 20.60 -15.68 -19.10
C THR A 117 19.39 -16.20 -19.86
N GLN A 118 18.77 -17.23 -19.28
CA GLN A 118 17.44 -17.62 -19.69
C GLN A 118 16.42 -16.87 -18.84
N THR A 119 15.16 -16.94 -19.23
CA THR A 119 14.09 -16.25 -18.52
C THR A 119 13.05 -17.24 -18.02
N ILE A 120 12.66 -17.06 -16.76
CA ILE A 120 11.53 -17.78 -16.17
C ILE A 120 10.28 -17.08 -16.62
N ARG A 121 9.44 -17.78 -17.36
CA ARG A 121 8.16 -17.25 -17.78
C ARG A 121 7.10 -17.86 -16.89
N ILE A 122 6.38 -17.02 -16.17
CA ILE A 122 5.28 -17.44 -15.31
C ILE A 122 3.98 -17.11 -16.01
N VAL A 123 3.04 -18.07 -16.02
CA VAL A 123 1.72 -17.85 -16.60
C VAL A 123 0.67 -18.16 -15.53
N TYR A 124 -0.16 -17.16 -15.23
CA TYR A 124 -1.29 -17.27 -14.33
C TYR A 124 -2.56 -17.32 -15.16
N ASP A 125 -3.45 -18.26 -14.83
CA ASP A 125 -4.73 -18.38 -15.53
C ASP A 125 -5.84 -18.53 -14.49
N ILE A 126 -6.77 -17.57 -14.46
CA ILE A 126 -7.81 -17.54 -13.46
C ILE A 126 -9.15 -17.42 -14.17
N PRO A 127 -10.05 -18.38 -14.06
CA PRO A 127 -11.35 -18.27 -14.74
C PRO A 127 -12.33 -17.48 -13.92
N THR A 128 -13.39 -17.03 -14.59
CA THR A 128 -14.49 -16.39 -13.87
C THR A 128 -15.15 -17.37 -12.91
N GLY A 129 -15.92 -16.80 -11.97
CA GLY A 129 -16.59 -17.63 -11.00
C GLY A 129 -17.57 -16.84 -10.15
N ILE A 130 -17.95 -17.44 -9.03
CA ILE A 130 -18.87 -16.85 -8.07
C ILE A 130 -18.07 -16.49 -6.84
N GLN A 131 -18.25 -15.27 -6.36
CA GLN A 131 -17.59 -14.85 -5.14
C GLN A 131 -18.07 -15.69 -3.95
N GLY A 132 -17.11 -16.09 -3.13
CA GLY A 132 -17.39 -16.84 -1.94
C GLY A 132 -17.56 -15.96 -0.74
N PRO A 133 -17.72 -16.59 0.42
CA PRO A 133 -17.97 -15.81 1.64
C PRO A 133 -16.83 -14.93 2.03
N GLU A 134 -15.61 -15.23 1.58
CA GLU A 134 -14.45 -14.43 1.90
C GLU A 134 -14.33 -13.17 1.04
N HIS A 135 -15.17 -13.06 0.02
CA HIS A 135 -15.07 -12.00 -0.98
C HIS A 135 -16.02 -10.84 -0.67
N PRO A 136 -15.83 -9.70 -1.35
CA PRO A 136 -16.61 -8.50 -0.99
C PRO A 136 -18.09 -8.61 -1.23
N ASN A 137 -18.54 -9.40 -2.21
CA ASN A 137 -19.96 -9.50 -2.55
C ASN A 137 -20.31 -10.98 -2.72
N PRO A 138 -20.38 -11.72 -1.63
CA PRO A 138 -20.60 -13.17 -1.71
C PRO A 138 -21.81 -13.51 -2.54
N GLY A 139 -21.61 -14.44 -3.48
CA GLY A 139 -22.67 -14.90 -4.31
C GLY A 139 -22.75 -14.20 -5.65
N LYS A 140 -22.07 -13.06 -5.79
CA LYS A 140 -22.07 -12.32 -7.04
C LYS A 140 -20.96 -12.86 -7.95
N LYS A 141 -21.24 -12.92 -9.23
CA LYS A 141 -20.24 -13.32 -10.21
C LYS A 141 -19.04 -12.37 -10.14
N PHE A 142 -17.84 -12.88 -10.43
CA PHE A 142 -16.67 -12.02 -10.60
C PHE A 142 -16.09 -12.23 -11.99
N THR A 143 -15.62 -11.16 -12.61
CA THR A 143 -14.99 -11.25 -13.91
C THR A 143 -13.49 -11.44 -13.71
N ALA A 144 -12.83 -11.87 -14.78
CA ALA A 144 -11.39 -12.10 -14.77
C ALA A 144 -10.87 -11.68 -16.13
N ARG A 145 -10.17 -10.56 -16.18
CA ARG A 145 -9.77 -9.95 -17.44
C ARG A 145 -8.30 -10.17 -17.71
N GLY A 146 -7.98 -10.41 -18.98
CA GLY A 146 -6.62 -10.47 -19.46
C GLY A 146 -5.88 -11.75 -19.18
N PHE A 147 -6.58 -12.81 -18.78
CA PHE A 147 -5.94 -14.09 -18.47
C PHE A 147 -5.91 -14.97 -19.71
N PRO A 148 -4.84 -15.74 -19.94
CA PRO A 148 -3.66 -15.92 -19.08
C PRO A 148 -2.75 -14.68 -19.06
N ARG A 149 -2.21 -14.38 -17.88
CA ARG A 149 -1.27 -13.27 -17.71
C ARG A 149 0.15 -13.82 -17.64
N HIS A 150 1.03 -13.28 -18.49
CA HIS A 150 2.42 -13.72 -18.59
C HIS A 150 3.35 -12.76 -17.83
N CYS A 151 4.23 -13.32 -17.00
CA CYS A 151 5.17 -12.57 -16.16
C CYS A 151 6.56 -13.17 -16.33
N TYR A 152 7.58 -12.36 -16.02
CA TYR A 152 8.94 -12.74 -16.32
C TYR A 152 9.90 -12.43 -15.17
N LEU A 153 10.87 -13.33 -14.99
CA LEU A 153 11.99 -13.16 -14.06
C LEU A 153 13.23 -13.70 -14.75
N PRO A 154 14.39 -13.14 -14.50
CA PRO A 154 15.60 -13.76 -15.03
C PRO A 154 15.89 -15.06 -14.29
N ASN A 155 16.45 -16.05 -15.01
CA ASN A 155 16.87 -17.27 -14.32
C ASN A 155 18.28 -17.09 -13.78
N ASN A 156 18.38 -16.33 -12.71
CA ASN A 156 19.62 -16.21 -11.94
C ASN A 156 19.29 -16.54 -10.49
N GLU A 157 20.26 -16.40 -9.58
CA GLU A 157 20.06 -16.85 -8.21
C GLU A 157 18.89 -16.13 -7.55
N LYS A 158 18.85 -14.80 -7.67
CA LYS A 158 17.82 -14.00 -7.02
C LYS A 158 16.46 -14.20 -7.68
N GLY A 159 16.44 -14.37 -9.00
CA GLY A 159 15.19 -14.66 -9.70
C GLY A 159 14.58 -15.99 -9.29
N ARG A 160 15.41 -17.02 -9.13
CA ARG A 160 14.88 -18.30 -8.67
C ARG A 160 14.32 -18.19 -7.25
N LYS A 161 14.96 -17.38 -6.43
CA LYS A 161 14.48 -17.13 -5.08
C LYS A 161 13.13 -16.47 -5.12
N VAL A 162 12.98 -15.43 -5.94
CA VAL A 162 11.67 -14.82 -6.09
C VAL A 162 10.64 -15.85 -6.56
N LEU A 163 11.03 -16.72 -7.50
CA LEU A 163 10.11 -17.74 -7.97
C LEU A 163 9.65 -18.64 -6.81
N ARG A 164 10.59 -19.10 -5.97
CA ARG A 164 10.17 -19.95 -4.86
C ARG A 164 9.16 -19.23 -3.99
N LEU A 165 9.39 -17.94 -3.75
CA LEU A 165 8.52 -17.19 -2.84
C LEU A 165 7.18 -16.88 -3.50
N LEU A 166 7.17 -16.61 -4.81
CA LEU A 166 5.89 -16.41 -5.49
C LEU A 166 5.03 -17.68 -5.46
N ILE A 167 5.67 -18.85 -5.56
CA ILE A 167 4.92 -20.10 -5.46
C ILE A 167 4.25 -20.20 -4.09
N THR A 168 4.98 -19.83 -3.04
CA THR A 168 4.39 -19.85 -1.70
C THR A 168 3.24 -18.85 -1.60
N ALA A 169 3.47 -17.64 -2.11
CA ALA A 169 2.42 -16.62 -2.07
C ALA A 169 1.19 -17.09 -2.83
N TRP A 170 1.39 -17.74 -3.99
CA TRP A 170 0.28 -18.32 -4.73
C TRP A 170 -0.47 -19.34 -3.88
N GLU A 171 0.29 -20.21 -3.18
CA GLU A 171 -0.34 -21.24 -2.35
C GLU A 171 -1.07 -20.62 -1.17
N ARG A 172 -0.59 -19.48 -0.68
CA ARG A 172 -1.26 -18.71 0.37
C ARG A 172 -2.33 -17.75 -0.17
N ARG A 173 -2.69 -17.85 -1.46
CA ARG A 173 -3.79 -17.07 -2.06
C ARG A 173 -3.56 -15.56 -1.99
N LEU A 174 -2.29 -15.16 -2.18
CA LEU A 174 -1.87 -13.78 -2.03
C LEU A 174 -1.57 -13.07 -3.34
N ILE A 175 -1.49 -13.76 -4.46
CA ILE A 175 -1.04 -13.09 -5.67
C ILE A 175 -2.16 -12.20 -6.22
N PHE A 176 -3.37 -12.72 -6.29
CA PHE A 176 -4.51 -11.96 -6.80
C PHE A 176 -5.58 -11.86 -5.72
N THR A 177 -6.44 -10.86 -5.89
CA THR A 177 -7.61 -10.72 -5.03
C THR A 177 -8.79 -10.35 -5.91
N ILE A 178 -9.96 -10.26 -5.30
CA ILE A 178 -11.18 -9.77 -5.94
C ILE A 178 -11.50 -8.39 -5.38
N GLY A 179 -11.68 -7.42 -6.28
CA GLY A 179 -11.89 -6.04 -5.90
C GLY A 179 -12.11 -5.19 -7.12
N THR A 180 -11.64 -3.94 -7.09
CA THR A 180 -11.87 -2.97 -8.16
C THR A 180 -10.57 -2.71 -8.92
N SER A 181 -10.61 -2.88 -10.24
CA SER A 181 -9.44 -2.63 -11.08
C SER A 181 -9.03 -1.15 -11.04
N ASN A 182 -7.73 -0.90 -10.94
CA ASN A 182 -7.25 0.48 -10.97
C ASN A 182 -7.11 1.05 -12.36
N THR A 183 -7.07 0.20 -13.39
CA THR A 183 -6.92 0.71 -14.74
C THR A 183 -8.26 0.87 -15.45
N THR A 184 -9.30 0.14 -15.01
CA THR A 184 -10.61 0.19 -15.64
C THR A 184 -11.73 0.65 -14.71
N GLY A 185 -11.54 0.62 -13.40
CA GLY A 185 -12.59 0.92 -12.45
C GLY A 185 -13.64 -0.16 -12.27
N GLU A 186 -13.56 -1.26 -13.03
CA GLU A 186 -14.53 -2.34 -12.90
C GLU A 186 -14.45 -2.96 -11.52
N SER A 187 -15.61 -3.16 -10.89
CA SER A 187 -15.67 -3.81 -9.58
C SER A 187 -15.92 -5.31 -9.77
N ASP A 188 -15.87 -6.05 -8.67
CA ASP A 188 -16.10 -7.49 -8.68
C ASP A 188 -15.25 -8.17 -9.74
N THR A 189 -13.94 -7.88 -9.72
CA THR A 189 -13.07 -8.41 -10.76
C THR A 189 -11.74 -8.86 -10.17
N VAL A 190 -11.06 -9.77 -10.86
CA VAL A 190 -9.77 -10.27 -10.40
C VAL A 190 -8.68 -9.22 -10.65
N VAL A 191 -7.97 -8.81 -9.59
CA VAL A 191 -6.93 -7.80 -9.70
C VAL A 191 -5.66 -8.28 -8.99
N TRP A 192 -4.54 -7.66 -9.37
CA TRP A 192 -3.30 -7.88 -8.64
C TRP A 192 -3.46 -7.42 -7.21
N ASN A 193 -2.76 -8.10 -6.31
CA ASN A 193 -2.78 -7.74 -4.91
C ASN A 193 -1.53 -6.89 -4.63
N GLU A 194 -0.68 -7.21 -3.67
CA GLU A 194 0.38 -6.29 -3.28
C GLU A 194 1.75 -6.71 -3.79
N ILE A 195 1.79 -7.61 -4.76
CA ILE A 195 3.06 -8.20 -5.20
C ILE A 195 3.19 -7.92 -6.70
N HIS A 196 4.05 -6.95 -7.04
CA HIS A 196 4.21 -6.51 -8.41
C HIS A 196 4.91 -7.57 -9.27
N HIS A 197 4.42 -7.72 -10.49
CA HIS A 197 5.00 -8.61 -11.49
C HIS A 197 5.41 -7.81 -12.72
N LYS A 198 6.40 -8.30 -13.44
CA LYS A 198 6.83 -7.69 -14.68
C LYS A 198 6.14 -8.44 -15.84
N THR A 199 5.28 -7.73 -16.56
CA THR A 199 4.50 -8.33 -17.64
C THR A 199 4.97 -7.87 -19.02
N GLU A 200 5.99 -7.01 -19.08
CA GLU A 200 6.52 -6.47 -20.31
C GLU A 200 7.95 -6.97 -20.44
N PHE A 201 8.22 -7.75 -21.49
CA PHE A 201 9.50 -8.47 -21.56
C PHE A 201 10.66 -7.58 -21.96
N GLY A 202 10.56 -6.92 -23.13
CA GLY A 202 11.73 -6.34 -23.79
C GLY A 202 11.83 -4.83 -23.67
N SER A 203 11.03 -4.21 -22.83
CA SER A 203 11.02 -2.75 -22.69
C SER A 203 10.20 -2.45 -21.44
N ASN A 204 10.17 -1.16 -21.06
CA ASN A 204 9.52 -0.73 -19.84
C ASN A 204 8.66 0.50 -20.10
N LEU A 205 8.01 0.54 -21.27
CA LEU A 205 7.12 1.65 -21.59
C LEU A 205 5.91 1.70 -20.66
N THR A 206 5.53 0.56 -20.07
CA THR A 206 4.38 0.52 -19.17
C THR A 206 4.74 0.74 -17.73
N GLY A 207 6.02 0.76 -17.39
CA GLY A 207 6.44 0.72 -16.00
C GLY A 207 6.45 -0.67 -15.40
N HIS A 208 5.89 -1.67 -16.09
CA HIS A 208 5.83 -3.04 -15.63
C HIS A 208 6.80 -3.94 -16.40
N GLY A 209 7.91 -3.34 -16.84
CA GLY A 209 8.85 -4.05 -17.70
C GLY A 209 10.29 -3.91 -17.28
N TYR A 210 11.17 -4.23 -18.22
CA TYR A 210 12.60 -4.25 -18.01
C TYR A 210 13.27 -3.35 -19.04
N PRO A 211 14.48 -2.87 -18.76
CA PRO A 211 15.31 -3.16 -17.58
C PRO A 211 14.80 -2.48 -16.31
N ASP A 212 15.07 -3.10 -15.17
CA ASP A 212 14.70 -2.53 -13.88
C ASP A 212 15.60 -3.21 -12.85
N ALA A 213 16.73 -2.55 -12.54
CA ALA A 213 17.74 -3.13 -11.66
C ALA A 213 17.23 -3.26 -10.21
N SER A 214 16.22 -2.51 -9.83
N SER A 214 16.22 -2.51 -9.83
CA SER A 214 15.71 -2.59 -8.47
CA SER A 214 15.70 -2.56 -8.47
C SER A 214 14.57 -3.58 -8.31
C SER A 214 14.53 -3.52 -8.32
N TYR A 215 14.05 -4.13 -9.41
CA TYR A 215 12.81 -4.89 -9.32
C TYR A 215 12.94 -6.07 -8.37
N LEU A 216 13.98 -6.89 -8.53
CA LEU A 216 14.01 -8.12 -7.73
C LEU A 216 14.05 -7.80 -6.24
N ASP A 217 14.85 -6.82 -5.82
CA ASP A 217 14.86 -6.43 -4.42
C ASP A 217 13.52 -5.86 -3.98
N ASN A 218 12.86 -5.10 -4.86
CA ASN A 218 11.57 -4.50 -4.54
C ASN A 218 10.50 -5.57 -4.31
N VAL A 219 10.43 -6.58 -5.20
CA VAL A 219 9.41 -7.60 -5.02
C VAL A 219 9.74 -8.49 -3.83
N LEU A 220 11.02 -8.71 -3.54
CA LEU A 220 11.36 -9.43 -2.31
C LEU A 220 10.86 -8.69 -1.07
N ALA A 221 10.93 -7.36 -1.07
CA ALA A 221 10.37 -6.60 0.06
C ALA A 221 8.86 -6.72 0.12
N GLU A 222 8.18 -6.68 -1.04
CA GLU A 222 6.73 -6.83 -1.03
C GLU A 222 6.34 -8.20 -0.51
N LEU A 223 7.09 -9.22 -0.90
CA LEU A 223 6.79 -10.56 -0.42
C LEU A 223 6.96 -10.64 1.10
N THR A 224 8.04 -10.05 1.62
CA THR A 224 8.28 -10.03 3.06
C THR A 224 7.16 -9.29 3.78
N ALA A 225 6.64 -8.23 3.17
CA ALA A 225 5.52 -7.48 3.73
C ALA A 225 4.24 -8.32 3.78
N GLN A 226 4.17 -9.39 2.99
CA GLN A 226 3.02 -10.30 3.03
C GLN A 226 3.32 -11.56 3.80
N GLY A 227 4.39 -11.57 4.59
CA GLY A 227 4.71 -12.73 5.40
C GLY A 227 5.37 -13.84 4.63
N VAL A 228 5.88 -13.56 3.44
CA VAL A 228 6.48 -14.59 2.59
C VAL A 228 7.99 -14.29 2.48
N SER A 229 8.80 -15.09 3.17
CA SER A 229 10.24 -14.88 3.16
C SER A 229 10.93 -16.20 3.42
N GLU A 230 12.25 -16.19 3.16
CA GLU A 230 13.09 -17.36 3.35
C GLU A 230 14.08 -17.21 4.52
N LYS B 3 1.48 23.39 -10.03
CA LYS B 3 2.06 23.12 -11.35
C LYS B 3 1.25 22.06 -12.13
N SER B 4 1.32 22.10 -13.47
CA SER B 4 0.58 21.15 -14.30
C SER B 4 1.05 19.72 -14.08
N LYS B 5 0.08 18.79 -14.01
CA LYS B 5 0.38 17.36 -13.85
C LYS B 5 0.18 16.58 -15.16
N ASN B 6 -0.09 17.27 -16.26
CA ASN B 6 -0.23 16.64 -17.57
C ASN B 6 1.09 16.00 -18.01
N PRO B 7 1.07 14.80 -18.63
CA PRO B 7 2.34 14.12 -18.97
C PRO B 7 3.32 14.93 -19.80
N GLU B 8 2.84 15.50 -20.90
CA GLU B 8 3.73 16.26 -21.75
C GLU B 8 4.33 17.45 -21.01
N ASP B 9 3.52 18.12 -20.19
CA ASP B 9 3.99 19.30 -19.49
C ASP B 9 5.06 18.94 -18.47
N VAL B 10 4.80 17.91 -17.66
CA VAL B 10 5.73 17.51 -16.62
C VAL B 10 7.07 17.09 -17.23
N VAL B 11 7.03 16.21 -18.23
CA VAL B 11 8.28 15.69 -18.81
C VAL B 11 9.09 16.83 -19.43
N ARG B 12 8.45 17.66 -20.25
CA ARG B 12 9.18 18.75 -20.89
C ARG B 12 9.84 19.66 -19.85
N ARG B 13 9.23 19.78 -18.68
CA ARG B 13 9.76 20.66 -17.64
C ARG B 13 11.11 20.20 -17.13
N TYR B 14 11.36 18.89 -17.07
CA TYR B 14 12.60 18.36 -16.51
C TYR B 14 13.56 17.78 -17.54
N MET B 15 13.18 17.76 -18.81
CA MET B 15 14.01 17.20 -19.86
C MET B 15 14.69 18.32 -20.62
N GLN B 16 16.01 18.24 -20.72
CA GLN B 16 16.81 19.21 -21.43
C GLN B 16 17.09 18.64 -22.81
N LYS B 17 16.73 19.39 -23.84
CA LYS B 17 16.91 18.93 -25.21
C LYS B 17 18.38 18.61 -25.44
N VAL B 18 18.66 17.47 -26.08
CA VAL B 18 20.03 17.10 -26.48
C VAL B 18 20.07 16.97 -28.00
N LYS B 19 20.94 17.77 -28.64
CA LYS B 19 20.92 17.87 -30.10
C LYS B 19 21.43 16.60 -30.77
N ASN B 20 22.57 16.09 -30.29
CA ASN B 20 23.25 14.88 -30.84
C ASN B 20 23.61 13.92 -29.70
N PRO B 21 22.80 12.88 -29.40
CA PRO B 21 23.11 11.93 -28.33
C PRO B 21 23.97 10.78 -28.85
N PRO B 22 24.80 10.10 -28.00
CA PRO B 22 25.62 8.99 -28.47
C PRO B 22 24.76 7.75 -28.76
N ASP B 23 25.23 6.87 -29.65
CA ASP B 23 24.52 5.63 -30.06
C ASP B 23 24.39 4.68 -28.86
N GLU B 24 23.44 4.95 -27.96
CA GLU B 24 23.18 4.17 -26.76
C GLU B 24 21.69 3.93 -26.65
N ASP B 25 21.32 2.88 -25.94
CA ASP B 25 19.92 2.53 -25.83
C ASP B 25 19.19 3.53 -24.96
N CYS B 26 17.98 3.88 -25.38
CA CYS B 26 16.96 4.37 -24.47
C CYS B 26 16.50 3.19 -23.61
N THR B 27 16.69 3.27 -22.30
CA THR B 27 16.39 2.12 -21.46
C THR B 27 14.91 2.02 -21.11
N ILE B 28 14.05 2.78 -21.79
CA ILE B 28 12.60 2.63 -21.69
C ILE B 28 12.08 1.77 -22.83
N CYS B 29 12.36 2.18 -24.09
CA CYS B 29 11.89 1.42 -25.24
C CYS B 29 12.93 0.43 -25.74
N MET B 30 14.16 0.53 -25.25
CA MET B 30 15.29 -0.29 -25.66
C MET B 30 15.61 -0.15 -27.14
N GLU B 31 15.18 0.94 -27.77
CA GLU B 31 15.70 1.30 -29.09
C GLU B 31 16.83 2.32 -28.90
N ARG B 32 17.70 2.40 -29.91
CA ARG B 32 18.82 3.35 -29.83
C ARG B 32 18.32 4.78 -29.83
N LEU B 33 19.02 5.65 -29.08
CA LEU B 33 18.61 7.05 -28.92
C LEU B 33 18.72 7.83 -30.22
N VAL B 34 19.51 7.34 -31.17
CA VAL B 34 19.68 8.01 -32.47
C VAL B 34 18.60 7.62 -33.46
N THR B 35 17.72 6.70 -33.11
CA THR B 35 16.58 6.36 -33.95
C THR B 35 15.29 6.68 -33.22
N ALA B 36 14.18 6.45 -33.91
CA ALA B 36 12.87 6.84 -33.39
C ALA B 36 12.51 6.05 -32.14
N SER B 37 11.74 6.70 -31.27
CA SER B 37 11.14 6.03 -30.13
C SER B 37 10.40 4.77 -30.56
N GLY B 38 10.51 3.72 -29.74
CA GLY B 38 9.80 2.47 -29.97
C GLY B 38 8.34 2.47 -29.58
N TYR B 39 7.87 3.56 -28.98
CA TYR B 39 6.49 3.65 -28.51
C TYR B 39 5.52 3.73 -29.67
N GLU B 40 4.44 2.95 -29.60
CA GLU B 40 3.35 3.02 -30.56
C GLU B 40 2.05 3.15 -29.77
N GLY B 41 1.24 4.15 -30.09
CA GLY B 41 0.04 4.36 -29.32
C GLY B 41 -0.55 5.74 -29.54
N VAL B 42 -1.51 6.05 -28.68
CA VAL B 42 -2.35 7.23 -28.84
C VAL B 42 -1.55 8.53 -28.66
N LEU B 43 -0.48 8.51 -27.87
CA LEU B 43 0.34 9.69 -27.66
C LEU B 43 1.17 10.03 -28.89
N ARG B 44 1.38 9.07 -29.78
CA ARG B 44 2.13 9.28 -31.01
C ARG B 44 1.27 9.95 -32.10
N LYS B 46 -0.36 13.77 -32.45
CA LYS B 46 0.07 15.17 -32.25
C LYS B 46 0.58 15.48 -30.83
N GLY B 47 1.85 15.90 -30.79
CA GLY B 47 2.48 16.31 -29.55
C GLY B 47 3.99 16.20 -29.61
N VAL B 48 4.51 15.03 -29.20
CA VAL B 48 5.94 14.80 -29.12
C VAL B 48 6.35 13.93 -30.31
N ARG B 49 7.26 14.48 -31.13
CA ARG B 49 7.79 13.74 -32.27
C ARG B 49 8.69 12.59 -31.81
N PRO B 50 8.68 11.45 -32.51
CA PRO B 50 9.37 10.25 -32.00
C PRO B 50 10.88 10.37 -31.90
N GLU B 51 11.52 11.31 -32.61
CA GLU B 51 12.97 11.38 -32.66
C GLU B 51 13.56 12.19 -31.50
N LEU B 52 12.72 12.94 -30.79
CA LEU B 52 13.22 13.87 -29.79
C LEU B 52 13.81 13.13 -28.59
N VAL B 53 15.01 13.54 -28.19
CA VAL B 53 15.70 12.97 -27.04
C VAL B 53 15.91 14.09 -26.02
N GLY B 54 15.78 13.74 -24.74
CA GLY B 54 16.04 14.68 -23.68
C GLY B 54 16.88 14.06 -22.58
N ARG B 55 17.41 14.93 -21.74
CA ARG B 55 18.31 14.56 -20.64
C ARG B 55 17.75 15.09 -19.33
N LEU B 56 17.61 14.22 -18.33
CA LEU B 56 17.26 14.68 -17.00
C LEU B 56 18.47 15.39 -16.41
N GLY B 57 18.28 16.67 -16.06
CA GLY B 57 19.35 17.51 -15.55
C GLY B 57 20.22 16.93 -14.44
N ARG B 58 19.58 16.53 -13.34
CA ARG B 58 20.38 16.22 -12.15
C ARG B 58 21.20 14.94 -12.31
N CYS B 59 20.62 13.88 -12.88
CA CYS B 59 21.32 12.62 -13.02
C CYS B 59 21.97 12.44 -14.38
N GLY B 60 21.54 13.18 -15.40
CA GLY B 60 22.12 13.10 -16.72
C GLY B 60 21.60 11.98 -17.60
N HIS B 61 20.59 11.23 -17.15
CA HIS B 61 20.10 10.11 -17.95
C HIS B 61 19.22 10.57 -19.12
N MET B 62 19.33 9.85 -20.24
CA MET B 62 18.74 10.27 -21.51
C MET B 62 17.71 9.26 -22.01
N TYR B 63 16.62 9.78 -22.56
CA TYR B 63 15.50 9.00 -23.06
C TYR B 63 14.91 9.70 -24.28
N HIS B 64 14.22 8.93 -25.11
CA HIS B 64 13.30 9.57 -26.03
C HIS B 64 12.25 10.31 -25.22
N LEU B 65 12.00 11.56 -25.60
CA LEU B 65 11.02 12.35 -24.86
C LEU B 65 9.67 11.64 -24.87
N LEU B 66 9.30 11.05 -26.01
CA LEU B 66 8.04 10.34 -26.10
C LEU B 66 8.01 9.16 -25.14
N CYS B 67 9.13 8.44 -25.03
CA CYS B 67 9.21 7.29 -24.13
C CYS B 67 8.93 7.69 -22.70
N LEU B 68 9.54 8.79 -22.24
CA LEU B 68 9.32 9.18 -20.86
C LEU B 68 7.91 9.72 -20.63
N VAL B 69 7.29 10.30 -21.68
CA VAL B 69 5.91 10.73 -21.57
C VAL B 69 4.99 9.52 -21.42
N ALA B 70 5.21 8.47 -22.21
CA ALA B 70 4.40 7.26 -22.07
C ALA B 70 4.56 6.65 -20.69
N MET B 71 5.79 6.55 -20.21
CA MET B 71 5.99 6.00 -18.87
C MET B 71 5.21 6.79 -17.85
N TYR B 72 5.37 8.12 -17.88
CA TYR B 72 4.67 8.94 -16.91
C TYR B 72 3.15 8.76 -17.04
N SER B 73 2.64 8.71 -18.28
CA SER B 73 1.20 8.60 -18.48
C SER B 73 0.63 7.29 -17.97
N ASN B 74 1.45 6.25 -17.86
CA ASN B 74 0.99 4.97 -17.34
C ASN B 74 1.04 4.91 -15.82
N GLY B 75 1.53 5.95 -15.16
CA GLY B 75 1.69 5.97 -13.73
C GLY B 75 0.61 6.74 -13.01
N ASN B 76 0.91 7.14 -11.77
CA ASN B 76 -0.04 7.86 -10.94
C ASN B 76 -0.30 9.27 -11.43
N LYS B 77 0.59 9.82 -12.27
CA LYS B 77 0.47 11.19 -12.77
C LYS B 77 0.28 12.20 -11.63
N ASP B 78 1.15 12.12 -10.62
CA ASP B 78 1.03 12.95 -9.43
C ASP B 78 1.91 14.21 -9.43
N GLY B 79 2.49 14.56 -10.58
CA GLY B 79 3.38 15.70 -10.67
C GLY B 79 4.85 15.36 -10.48
N SER B 80 5.15 14.15 -9.99
CA SER B 80 6.53 13.69 -9.80
C SER B 80 6.89 12.71 -10.91
N LEU B 81 8.16 12.77 -11.32
CA LEU B 81 8.73 12.03 -12.44
C LEU B 81 9.95 11.31 -11.92
N GLN B 82 10.00 9.98 -12.06
CA GLN B 82 11.14 9.19 -11.59
C GLN B 82 12.02 8.76 -12.76
N CYS B 83 13.33 8.93 -12.60
CA CYS B 83 14.27 8.42 -13.59
C CYS B 83 14.24 6.90 -13.52
N PRO B 84 13.93 6.21 -14.62
CA PRO B 84 13.85 4.74 -14.55
C PRO B 84 15.20 4.05 -14.40
N THR B 85 16.31 4.76 -14.61
CA THR B 85 17.63 4.15 -14.47
C THR B 85 18.13 4.24 -13.03
N CYS B 86 18.17 5.44 -12.46
CA CYS B 86 18.71 5.68 -11.13
C CYS B 86 17.64 5.98 -10.09
N LYS B 87 16.37 5.98 -10.47
CA LYS B 87 15.23 6.16 -9.56
C LYS B 87 15.27 7.51 -8.85
N ALA B 88 16.08 8.44 -9.34
CA ALA B 88 15.98 9.82 -8.88
C ALA B 88 14.60 10.41 -9.19
N ILE B 89 14.12 11.29 -8.29
CA ILE B 89 12.78 11.86 -8.39
C ILE B 89 12.89 13.34 -8.72
N TYR B 90 12.10 13.77 -9.68
CA TYR B 90 11.99 15.16 -10.08
C TYR B 90 10.57 15.65 -9.81
N GLY B 91 10.43 16.94 -9.45
CA GLY B 91 9.12 17.50 -9.21
C GLY B 91 8.59 17.19 -7.82
N GLU B 92 7.36 17.62 -7.59
CA GLU B 92 6.68 17.47 -6.30
C GLU B 92 5.43 16.61 -6.43
N LYS B 93 5.32 15.60 -5.57
CA LYS B 93 4.14 14.74 -5.51
C LYS B 93 3.00 15.45 -4.78
N THR B 94 1.85 15.55 -5.45
CA THR B 94 0.62 16.06 -4.85
C THR B 94 -0.49 15.08 -5.18
N GLY B 95 -1.59 15.16 -4.40
CA GLY B 95 -2.65 14.18 -4.45
C GLY B 95 -3.97 14.76 -4.94
N THR B 96 -5.05 14.04 -4.63
CA THR B 96 -6.37 14.37 -5.14
C THR B 96 -7.36 14.72 -4.02
N GLN B 97 -6.84 15.06 -2.86
CA GLN B 97 -7.65 15.45 -1.72
C GLN B 97 -8.69 16.51 -2.09
N PRO B 98 -9.96 16.34 -1.70
CA PRO B 98 -10.97 17.36 -2.03
C PRO B 98 -10.88 18.54 -1.08
N PRO B 99 -11.64 19.62 -1.32
CA PRO B 99 -11.57 20.77 -0.41
C PRO B 99 -11.99 20.44 1.00
N GLY B 100 -11.39 21.17 1.94
CA GLY B 100 -11.76 21.03 3.34
C GLY B 100 -10.93 21.92 4.23
N LYS B 101 -10.96 21.63 5.53
CA LYS B 101 -10.23 22.40 6.54
C LYS B 101 -9.42 21.49 7.46
N MET B 102 -8.21 21.93 7.81
CA MET B 102 -7.37 21.26 8.81
C MET B 102 -7.10 22.27 9.92
N GLU B 103 -7.32 21.84 11.19
CA GLU B 103 -7.11 22.65 12.38
C GLU B 103 -6.36 21.82 13.40
N PHE B 104 -5.60 22.48 14.28
CA PHE B 104 -4.96 21.75 15.38
C PHE B 104 -4.89 22.66 16.60
N HIS B 105 -4.94 22.05 17.78
CA HIS B 105 -4.58 22.74 19.00
C HIS B 105 -4.26 21.71 20.08
N LEU B 106 -3.93 22.20 21.26
CA LEU B 106 -3.48 21.35 22.37
C LEU B 106 -4.62 20.99 23.30
N ILE B 107 -4.61 19.79 23.85
CA ILE B 107 -5.59 19.43 24.86
C ILE B 107 -4.84 18.95 26.10
N PRO B 108 -5.34 19.21 27.31
CA PRO B 108 -4.57 18.97 28.52
C PRO B 108 -4.72 17.53 29.03
N HIS B 109 -4.43 16.57 28.16
CA HIS B 109 -4.57 15.16 28.53
C HIS B 109 -3.50 14.40 27.78
N SER B 110 -2.82 13.49 28.49
CA SER B 110 -1.74 12.72 27.89
C SER B 110 -2.27 11.46 27.20
N LEU B 111 -1.61 11.10 26.09
CA LEU B 111 -1.91 9.85 25.38
C LEU B 111 -1.28 8.68 26.15
N PRO B 112 -1.92 7.52 26.11
CA PRO B 112 -1.25 6.32 26.62
C PRO B 112 0.15 6.17 26.04
N GLY B 113 1.11 5.91 26.90
CA GLY B 113 2.49 5.75 26.50
C GLY B 113 3.29 7.04 26.41
N PHE B 114 2.65 8.19 26.63
CA PHE B 114 3.32 9.50 26.61
C PHE B 114 2.99 10.27 27.90
N PRO B 115 3.40 9.75 29.04
CA PRO B 115 3.06 10.42 30.29
C PRO B 115 3.69 11.81 30.39
N ASP B 116 3.02 12.65 31.19
CA ASP B 116 3.45 14.01 31.50
C ASP B 116 3.57 14.86 30.24
N THR B 117 2.62 14.70 29.33
CA THR B 117 2.53 15.50 28.12
C THR B 117 1.11 16.02 27.92
N GLN B 118 1.02 17.06 27.09
CA GLN B 118 -0.24 17.47 26.47
C GLN B 118 -0.32 16.79 25.11
N THR B 119 -1.49 16.86 24.48
CA THR B 119 -1.71 16.19 23.22
C THR B 119 -2.09 17.20 22.14
N ILE B 120 -1.46 17.02 20.98
CA ILE B 120 -1.83 17.72 19.76
C ILE B 120 -3.03 17.03 19.16
N ARG B 121 -4.15 17.75 19.07
CA ARG B 121 -5.34 17.25 18.42
C ARG B 121 -5.49 17.90 17.06
N ILE B 122 -5.51 17.10 16.01
CA ILE B 122 -5.73 17.55 14.65
C ILE B 122 -7.15 17.24 14.31
N VAL B 123 -7.84 18.19 13.69
CA VAL B 123 -9.22 17.99 13.27
C VAL B 123 -9.31 18.27 11.78
N TYR B 124 -9.78 17.27 11.03
CA TYR B 124 -10.03 17.43 9.60
C TYR B 124 -11.54 17.53 9.36
N ASP B 125 -11.96 18.48 8.52
CA ASP B 125 -13.36 18.56 8.15
C ASP B 125 -13.46 18.69 6.63
N ILE B 126 -14.11 17.71 5.98
CA ILE B 126 -14.23 17.67 4.52
C ILE B 126 -15.69 17.54 4.16
N PRO B 127 -16.28 18.49 3.43
CA PRO B 127 -17.67 18.36 3.05
C PRO B 127 -17.83 17.49 1.81
N THR B 128 -19.07 17.03 1.60
CA THR B 128 -19.40 16.31 0.37
C THR B 128 -19.26 17.26 -0.82
N GLY B 129 -19.22 16.69 -2.02
CA GLY B 129 -19.12 17.54 -3.20
C GLY B 129 -19.17 16.71 -4.46
N ILE B 130 -18.67 17.31 -5.55
CA ILE B 130 -18.65 16.71 -6.87
C ILE B 130 -17.22 16.32 -7.20
N GLN B 131 -17.06 15.08 -7.68
CA GLN B 131 -15.77 14.56 -8.11
C GLN B 131 -15.23 15.30 -9.33
N GLY B 132 -13.94 15.58 -9.31
CA GLY B 132 -13.27 16.19 -10.44
C GLY B 132 -12.64 15.19 -11.40
N PRO B 133 -11.92 15.71 -12.39
CA PRO B 133 -11.33 14.85 -13.44
C PRO B 133 -10.28 13.90 -12.92
N GLU B 134 -9.68 14.19 -11.77
CA GLU B 134 -8.66 13.33 -11.19
C GLU B 134 -9.24 12.16 -10.40
N HIS B 135 -10.55 12.15 -10.17
CA HIS B 135 -11.23 11.24 -9.26
C HIS B 135 -11.83 10.04 -10.01
N PRO B 136 -12.26 9.01 -9.27
CA PRO B 136 -12.72 7.77 -9.95
C PRO B 136 -13.89 7.95 -10.89
N ASN B 137 -14.84 8.84 -10.58
CA ASN B 137 -16.05 9.06 -11.39
C ASN B 137 -16.33 10.54 -11.54
N PRO B 138 -15.57 11.21 -12.40
CA PRO B 138 -15.77 12.66 -12.59
C PRO B 138 -17.22 13.03 -12.86
N GLY B 139 -17.71 14.03 -12.13
CA GLY B 139 -19.06 14.56 -12.28
C GLY B 139 -20.08 13.96 -11.33
N LYS B 140 -19.77 12.82 -10.72
CA LYS B 140 -20.62 12.18 -9.73
C LYS B 140 -20.30 12.68 -8.32
N LYS B 141 -21.32 12.64 -7.47
CA LYS B 141 -21.16 12.99 -6.07
C LYS B 141 -20.15 12.09 -5.37
N PHE B 142 -19.55 12.62 -4.31
CA PHE B 142 -18.81 11.80 -3.36
C PHE B 142 -19.39 12.08 -1.97
N THR B 143 -19.46 11.04 -1.16
CA THR B 143 -19.87 11.19 0.22
C THR B 143 -18.64 11.45 1.09
N ALA B 144 -18.90 11.87 2.33
CA ALA B 144 -17.85 12.16 3.30
C ALA B 144 -18.33 11.69 4.66
N ARG B 145 -17.71 10.63 5.20
CA ARG B 145 -18.20 10.00 6.42
C ARG B 145 -17.30 10.31 7.60
N GLY B 146 -17.94 10.51 8.76
CA GLY B 146 -17.27 10.63 10.03
C GLY B 146 -16.59 11.95 10.28
N PHE B 147 -16.86 12.97 9.47
CA PHE B 147 -16.18 14.25 9.63
C PHE B 147 -16.97 15.13 10.57
N PRO B 148 -16.35 15.93 11.46
CA PRO B 148 -14.90 16.13 11.56
C PRO B 148 -14.19 14.93 12.15
N ARG B 149 -13.04 14.58 11.59
CA ARG B 149 -12.26 13.45 12.08
C ARG B 149 -11.15 13.99 13.00
N HIS B 150 -11.12 13.47 14.22
CA HIS B 150 -10.17 13.91 15.24
C HIS B 150 -9.00 12.92 15.31
N CYS B 151 -7.79 13.46 15.33
CA CYS B 151 -6.55 12.67 15.31
C CYS B 151 -5.63 13.19 16.40
N TYR B 152 -4.70 12.36 16.86
CA TYR B 152 -3.90 12.72 18.03
C TYR B 152 -2.42 12.41 17.84
N LEU B 153 -1.59 13.28 18.38
CA LEU B 153 -0.14 13.16 18.49
C LEU B 153 0.28 13.66 19.86
N PRO B 154 1.30 13.10 20.47
CA PRO B 154 1.81 13.71 21.70
C PRO B 154 2.51 15.04 21.43
N ASN B 155 2.38 15.98 22.36
CA ASN B 155 3.09 17.24 22.19
C ASN B 155 4.50 17.13 22.77
N ASN B 156 5.34 16.43 22.02
CA ASN B 156 6.76 16.35 22.27
C ASN B 156 7.52 16.64 20.96
N GLU B 157 8.84 16.53 20.99
CA GLU B 157 9.63 16.92 19.83
C GLU B 157 9.21 16.15 18.58
N LYS B 158 9.11 14.84 18.69
CA LYS B 158 8.80 14.05 17.52
C LYS B 158 7.36 14.26 17.05
N GLY B 159 6.44 14.42 18.00
CA GLY B 159 5.05 14.68 17.66
C GLY B 159 4.88 15.99 16.92
N ARG B 160 5.61 17.03 17.35
CA ARG B 160 5.56 18.32 16.67
C ARG B 160 6.18 18.23 15.28
N LYS B 161 7.24 17.46 15.11
CA LYS B 161 7.77 17.24 13.78
C LYS B 161 6.72 16.58 12.89
N VAL B 162 6.07 15.52 13.39
CA VAL B 162 5.01 14.90 12.59
C VAL B 162 3.94 15.93 12.24
N LEU B 163 3.55 16.78 13.21
CA LEU B 163 2.52 17.78 12.93
C LEU B 163 2.93 18.68 11.77
N ARG B 164 4.16 19.19 11.80
CA ARG B 164 4.61 20.08 10.74
C ARG B 164 4.52 19.37 9.38
N LEU B 165 4.93 18.11 9.36
CA LEU B 165 4.94 17.38 8.10
C LEU B 165 3.52 17.05 7.64
N LEU B 166 2.61 16.76 8.58
CA LEU B 166 1.23 16.50 8.19
C LEU B 166 0.61 17.74 7.56
N ILE B 167 0.94 18.92 8.08
CA ILE B 167 0.45 20.16 7.49
C ILE B 167 0.94 20.29 6.05
N THR B 168 2.22 20.04 5.82
CA THR B 168 2.73 20.07 4.45
C THR B 168 2.00 19.05 3.58
N ALA B 169 1.80 17.83 4.11
CA ALA B 169 1.09 16.81 3.34
C ALA B 169 -0.32 17.28 3.00
N TRP B 170 -1.00 17.91 3.97
CA TRP B 170 -2.33 18.47 3.72
C TRP B 170 -2.30 19.50 2.60
N GLU B 171 -1.30 20.39 2.64
CA GLU B 171 -1.18 21.43 1.64
C GLU B 171 -0.89 20.83 0.27
N ARG B 172 -0.22 19.67 0.24
CA ARG B 172 0.02 18.97 -1.00
C ARG B 172 -1.12 18.02 -1.35
N ARG B 173 -2.24 18.11 -0.64
CA ARG B 173 -3.45 17.35 -0.97
C ARG B 173 -3.20 15.84 -0.90
N LEU B 174 -2.43 15.43 0.10
CA LEU B 174 -2.01 14.04 0.24
C LEU B 174 -2.68 13.28 1.39
N ILE B 175 -3.45 13.94 2.26
CA ILE B 175 -3.98 13.22 3.44
C ILE B 175 -5.15 12.31 3.06
N PHE B 176 -6.09 12.84 2.26
CA PHE B 176 -7.29 12.12 1.83
C PHE B 176 -7.37 12.02 0.32
N THR B 177 -8.14 11.04 -0.13
CA THR B 177 -8.47 10.87 -1.53
C THR B 177 -9.95 10.48 -1.63
N ILE B 178 -10.41 10.31 -2.86
CA ILE B 178 -11.73 9.73 -3.13
C ILE B 178 -11.49 8.31 -3.60
N GLY B 179 -12.16 7.37 -2.95
CA GLY B 179 -11.99 5.95 -3.23
C GLY B 179 -12.97 5.10 -2.43
N THR B 180 -12.54 3.91 -2.05
CA THR B 180 -13.39 2.94 -1.39
C THR B 180 -12.98 2.73 0.06
N SER B 181 -13.93 2.84 0.96
CA SER B 181 -13.66 2.71 2.39
C SER B 181 -13.24 1.29 2.77
N ASN B 182 -12.24 1.22 3.63
CA ASN B 182 -11.73 -0.04 4.14
C ASN B 182 -12.64 -0.63 5.21
N THR B 183 -13.49 0.18 5.84
CA THR B 183 -14.34 -0.29 6.92
C THR B 183 -15.75 -0.66 6.49
N THR B 184 -16.27 -0.04 5.42
CA THR B 184 -17.62 -0.31 4.92
C THR B 184 -17.69 -0.75 3.47
N GLY B 185 -16.63 -0.60 2.70
CA GLY B 185 -16.74 -0.88 1.28
C GLY B 185 -17.40 0.20 0.46
N GLU B 186 -17.85 1.28 1.07
CA GLU B 186 -18.53 2.30 0.28
C GLU B 186 -17.56 2.91 -0.73
N SER B 187 -18.00 3.02 -1.97
CA SER B 187 -17.18 3.63 -2.99
C SER B 187 -17.53 5.11 -3.12
N ASP B 188 -16.74 5.83 -3.95
CA ASP B 188 -16.99 7.24 -4.20
C ASP B 188 -17.17 8.02 -2.90
N THR B 189 -16.22 7.82 -2.00
CA THR B 189 -16.27 8.43 -0.67
C THR B 189 -14.88 8.93 -0.27
N VAL B 190 -14.85 9.88 0.67
CA VAL B 190 -13.56 10.41 1.14
C VAL B 190 -12.88 9.39 2.05
N VAL B 191 -11.66 8.98 1.70
CA VAL B 191 -10.93 8.00 2.49
C VAL B 191 -9.52 8.48 2.78
N TRP B 192 -8.92 7.87 3.80
CA TRP B 192 -7.51 8.07 4.06
C TRP B 192 -6.70 7.59 2.86
N ASN B 193 -5.59 8.26 2.61
CA ASN B 193 -4.68 7.87 1.56
C ASN B 193 -3.56 7.05 2.22
N GLU B 194 -2.29 7.42 2.08
CA GLU B 194 -1.24 6.51 2.53
C GLU B 194 -0.56 6.93 3.84
N ILE B 195 -1.16 7.84 4.61
CA ILE B 195 -0.56 8.38 5.81
C ILE B 195 -1.48 8.04 6.99
N HIS B 196 -1.08 7.08 7.80
CA HIS B 196 -1.92 6.61 8.90
C HIS B 196 -2.00 7.64 10.03
N HIS B 197 -3.22 7.84 10.54
CA HIS B 197 -3.49 8.72 11.66
C HIS B 197 -4.09 7.91 12.81
N LYS B 198 -3.86 8.39 14.03
CA LYS B 198 -4.40 7.76 15.22
C LYS B 198 -5.69 8.49 15.63
N THR B 199 -6.81 7.77 15.51
CA THR B 199 -8.14 8.32 15.74
C THR B 199 -8.80 7.83 17.03
N GLU B 200 -8.12 6.96 17.78
CA GLU B 200 -8.60 6.43 19.05
C GLU B 200 -7.66 6.93 20.13
N PHE B 201 -8.20 7.75 21.05
CA PHE B 201 -7.35 8.51 21.97
C PHE B 201 -6.74 7.62 23.06
N GLY B 202 -7.59 6.90 23.80
CA GLY B 202 -7.23 6.33 25.08
C GLY B 202 -7.04 4.83 25.13
N SER B 203 -7.03 4.15 23.99
CA SER B 203 -6.97 2.70 23.87
C SER B 203 -6.67 2.39 22.40
N ASN B 204 -6.47 1.11 22.11
CA ASN B 204 -6.09 0.67 20.76
C ASN B 204 -6.91 -0.54 20.34
N LEU B 205 -8.18 -0.58 20.74
CA LEU B 205 -9.07 -1.65 20.32
C LEU B 205 -9.31 -1.68 18.83
N THR B 206 -9.15 -0.53 18.13
CA THR B 206 -9.35 -0.46 16.69
C THR B 206 -8.08 -0.69 15.90
N GLY B 207 -6.92 -0.73 16.55
CA GLY B 207 -5.64 -0.71 15.84
C GLY B 207 -5.22 0.68 15.42
N HIS B 208 -6.09 1.68 15.58
CA HIS B 208 -5.76 3.06 15.24
C HIS B 208 -5.60 3.94 16.47
N GLY B 209 -5.12 3.34 17.57
CA GLY B 209 -5.03 4.04 18.83
C GLY B 209 -3.70 3.91 19.52
N TYR B 210 -3.73 4.17 20.81
CA TYR B 210 -2.54 4.20 21.64
C TYR B 210 -2.74 3.27 22.83
N PRO B 211 -1.65 2.78 23.45
CA PRO B 211 -0.24 3.04 23.18
C PRO B 211 0.28 2.39 21.90
N ASP B 212 1.28 3.05 21.29
CA ASP B 212 1.91 2.55 20.07
C ASP B 212 3.26 3.28 19.94
N ALA B 213 4.29 2.65 20.50
CA ALA B 213 5.62 3.25 20.53
C ALA B 213 6.27 3.31 19.16
N SER B 214 5.74 2.61 18.15
N SER B 214 5.73 2.60 18.17
CA SER B 214 6.32 2.66 16.82
CA SER B 214 6.29 2.62 16.82
C SER B 214 5.57 3.60 15.88
C SER B 214 5.62 3.65 15.93
N TYR B 215 4.47 4.21 16.33
CA TYR B 215 3.63 4.95 15.40
C TYR B 215 4.38 6.14 14.81
N LEU B 216 5.02 6.95 15.65
CA LEU B 216 5.61 8.18 15.13
C LEU B 216 6.68 7.88 14.07
N ASP B 217 7.56 6.90 14.34
CA ASP B 217 8.54 6.53 13.32
C ASP B 217 7.86 5.98 12.07
N ASN B 218 6.79 5.22 12.23
CA ASN B 218 6.08 4.65 11.09
C ASN B 218 5.46 5.73 10.22
N VAL B 219 4.81 6.73 10.83
CA VAL B 219 4.18 7.75 10.02
C VAL B 219 5.23 8.66 9.39
N LEU B 220 6.34 8.92 10.08
CA LEU B 220 7.42 9.68 9.45
C LEU B 220 7.92 8.95 8.21
N ALA B 221 8.03 7.62 8.28
CA ALA B 221 8.41 6.86 7.08
C ALA B 221 7.34 6.96 6.00
N GLU B 222 6.06 6.93 6.39
CA GLU B 222 5.00 7.07 5.39
C GLU B 222 5.03 8.45 4.74
N LEU B 223 5.30 9.50 5.53
CA LEU B 223 5.40 10.83 4.96
C LEU B 223 6.56 10.91 3.98
N THR B 224 7.71 10.33 4.34
CA THR B 224 8.87 10.34 3.45
C THR B 224 8.57 9.60 2.15
N ALA B 225 7.80 8.52 2.22
CA ALA B 225 7.42 7.79 1.02
C ALA B 225 6.52 8.61 0.11
N GLN B 226 5.89 9.66 0.61
CA GLN B 226 5.11 10.55 -0.24
C GLN B 226 5.84 11.84 -0.55
N GLY B 227 7.16 11.87 -0.34
CA GLY B 227 7.95 13.05 -0.64
C GLY B 227 7.89 14.19 0.36
N VAL B 228 7.41 13.92 1.58
CA VAL B 228 7.26 14.94 2.61
C VAL B 228 8.31 14.65 3.71
N SER B 229 9.35 15.49 3.78
CA SER B 229 10.43 15.27 4.72
C SER B 229 11.04 16.58 5.16
N GLU B 230 11.78 16.50 6.27
CA GLU B 230 12.49 17.65 6.83
C GLU B 230 14.00 17.39 6.71
#